data_5GMI
#
_entry.id   5GMI
#
_cell.length_a   132.492
_cell.length_b   132.492
_cell.length_c   220.706
_cell.angle_alpha   90.00
_cell.angle_beta   90.00
_cell.angle_gamma   90.00
#
_symmetry.space_group_name_H-M   'I 41 2 2'
#
loop_
_entity.id
_entity.type
_entity.pdbx_description
1 polymer 'Golgi reassembly-stacking protein 2'
2 polymer 'Junctional adhesion molecule C'
3 water water
#
loop_
_entity_poly.entity_id
_entity_poly.type
_entity_poly.pdbx_seq_one_letter_code
_entity_poly.pdbx_strand_id
1 'polypeptide(L)'
;MSYYHHHHHHLESTSLYKKAGFLVPRGSGSSQSVEIPGGGTEGYHVLRVQENSPGHRAGLEPFFDFIVSINGSRLNKDND
TLKDLLKANVEKPVKMLIYSSKTLELREASVTPSNLWGGQGLLGVSIRFCSFDGANENVWHVLEVESNSPAALAGLRPHS
DYIIGADTVMNESEDLFSLIETHEAKPLKLYVYNTDTDNCREVIITPNSAWGGEGSLGCGIGYGYLHRIPTRPFE
;
A,B
2 'polypeptide(L)' NYIRTSEEGDFRHKSSFVI C,D
#
# COMPACT_ATOMS: atom_id res chain seq x y z
N SER A 13 -7.84 -28.13 29.87
CA SER A 13 -8.36 -27.66 31.15
C SER A 13 -9.81 -27.19 31.02
N THR A 14 -10.18 -26.22 31.84
CA THR A 14 -11.51 -25.62 31.77
C THR A 14 -11.54 -24.49 30.73
N SER A 15 -10.36 -24.12 30.24
CA SER A 15 -10.25 -23.09 29.22
C SER A 15 -10.98 -23.52 27.94
N LEU A 16 -11.74 -22.60 27.37
CA LEU A 16 -12.45 -22.89 26.13
C LEU A 16 -11.62 -22.41 24.96
N TYR A 17 -10.34 -22.18 25.23
CA TYR A 17 -9.42 -21.74 24.21
C TYR A 17 -8.20 -22.65 24.14
N LYS A 18 -7.56 -22.69 22.98
CA LYS A 18 -6.35 -23.45 22.75
C LYS A 18 -5.46 -22.65 21.82
N LYS A 19 -4.36 -23.25 21.39
CA LYS A 19 -3.39 -22.52 20.60
C LYS A 19 -3.28 -23.02 19.17
N ALA A 20 -3.02 -22.10 18.25
CA ALA A 20 -2.86 -22.42 16.84
C ALA A 20 -1.79 -21.51 16.25
N GLY A 21 -1.14 -21.99 15.20
CA GLY A 21 -0.10 -21.23 14.54
C GLY A 21 -0.67 -20.37 13.43
N PHE A 22 -0.17 -19.15 13.31
CA PHE A 22 -0.61 -18.24 12.26
C PHE A 22 0.59 -17.54 11.63
N LEU A 23 0.41 -17.02 10.42
CA LEU A 23 1.50 -16.30 9.78
C LEU A 23 1.52 -14.87 10.28
N VAL A 24 2.70 -14.42 10.68
CA VAL A 24 2.90 -13.04 11.10
C VAL A 24 4.12 -12.49 10.36
N PRO A 25 4.19 -11.17 10.18
CA PRO A 25 5.38 -10.58 9.55
C PRO A 25 6.63 -10.77 10.40
N ARG A 26 7.78 -10.93 9.73
CA ARG A 26 9.08 -11.11 10.38
C ARG A 26 9.34 -9.98 11.36
N GLY A 27 8.92 -8.77 10.98
CA GLY A 27 9.07 -7.59 11.78
C GLY A 27 8.22 -7.62 13.03
N SER A 28 8.61 -8.45 13.98
CA SER A 28 7.85 -8.61 15.21
C SER A 28 8.77 -8.73 16.42
N GLY A 29 8.24 -9.23 17.53
CA GLY A 29 8.95 -9.15 18.80
C GLY A 29 9.94 -10.27 19.04
N SER A 30 10.77 -10.51 18.03
CA SER A 30 11.83 -11.51 18.14
C SER A 30 13.14 -10.79 18.21
N SER A 31 13.07 -9.53 18.65
CA SER A 31 14.19 -8.59 18.61
C SER A 31 15.06 -8.72 19.86
N GLN A 32 16.36 -9.03 19.73
CA GLN A 32 17.15 -9.02 18.50
C GLN A 32 17.46 -7.68 17.78
N SER A 33 18.74 -7.32 17.87
CA SER A 33 19.29 -6.17 17.21
C SER A 33 20.60 -6.63 16.52
N VAL A 34 20.44 -7.59 15.61
CA VAL A 34 21.56 -8.27 14.94
C VAL A 34 22.00 -7.74 13.58
N GLU A 35 23.16 -7.07 13.48
CA GLU A 35 23.86 -6.40 14.57
C GLU A 35 24.34 -5.07 14.00
N ILE A 36 24.23 -4.00 14.77
CA ILE A 36 24.49 -2.67 14.22
C ILE A 36 25.98 -2.32 14.30
N PRO A 37 26.61 -2.13 13.14
CA PRO A 37 27.97 -1.59 13.15
C PRO A 37 27.96 -0.24 13.87
N GLY A 38 28.72 -0.14 14.95
CA GLY A 38 28.67 1.03 15.81
C GLY A 38 27.98 0.68 17.12
N GLY A 39 27.12 -0.33 17.08
CA GLY A 39 26.58 -0.92 18.30
C GLY A 39 25.23 -0.41 18.78
N GLY A 40 24.83 0.76 18.31
CA GLY A 40 23.62 1.39 18.81
C GLY A 40 22.30 0.67 18.56
N THR A 41 21.20 1.35 18.86
CA THR A 41 19.87 0.84 18.58
C THR A 41 19.02 1.94 17.97
N GLU A 42 19.59 3.14 17.89
CA GLU A 42 18.89 4.31 17.40
C GLU A 42 19.45 4.81 16.07
N GLY A 43 18.63 5.55 15.33
CA GLY A 43 19.01 6.09 14.03
C GLY A 43 18.00 7.11 13.58
N TYR A 44 18.01 7.42 12.30
CA TYR A 44 17.06 8.38 11.76
C TYR A 44 15.94 7.69 11.00
N HIS A 45 14.73 7.80 11.54
CA HIS A 45 13.56 7.16 10.98
C HIS A 45 13.15 7.87 9.69
N VAL A 46 13.17 7.14 8.59
CA VAL A 46 12.77 7.72 7.31
C VAL A 46 11.27 7.86 7.27
N LEU A 47 10.79 9.10 7.27
CA LEU A 47 9.35 9.36 7.16
C LEU A 47 9.00 9.65 5.71
N ARG A 48 8.66 10.91 5.41
CA ARG A 48 8.26 11.27 4.06
C ARG A 48 9.44 11.26 3.10
N VAL A 49 9.23 10.64 1.93
CA VAL A 49 10.20 10.72 0.85
C VAL A 49 9.54 11.42 -0.33
N GLN A 50 9.98 12.63 -0.64
CA GLN A 50 9.42 13.37 -1.76
C GLN A 50 9.75 12.66 -3.06
N GLU A 51 8.93 12.87 -4.09
CA GLU A 51 9.16 12.19 -5.36
C GLU A 51 10.21 12.95 -6.17
N ASN A 52 10.93 12.22 -7.02
CA ASN A 52 12.03 12.76 -7.80
C ASN A 52 13.08 13.37 -6.86
N SER A 53 13.13 12.85 -5.64
CA SER A 53 14.13 13.27 -4.67
C SER A 53 15.35 12.37 -4.76
N PRO A 54 16.48 12.83 -4.21
CA PRO A 54 17.63 11.93 -4.05
C PRO A 54 17.26 10.72 -3.20
N GLY A 55 16.49 10.95 -2.15
CA GLY A 55 16.08 9.88 -1.27
C GLY A 55 15.26 8.83 -1.99
N HIS A 56 14.41 9.27 -2.92
CA HIS A 56 13.62 8.34 -3.72
C HIS A 56 14.51 7.51 -4.65
N ARG A 57 15.44 8.18 -5.32
CA ARG A 57 16.36 7.51 -6.23
C ARG A 57 17.20 6.46 -5.51
N ALA A 58 17.47 6.69 -4.23
CA ALA A 58 18.29 5.78 -3.44
C ALA A 58 17.48 4.62 -2.91
N GLY A 59 16.16 4.68 -3.11
CA GLY A 59 15.29 3.59 -2.72
C GLY A 59 14.92 3.62 -1.24
N LEU A 60 15.01 4.80 -0.63
CA LEU A 60 14.65 4.94 0.78
C LEU A 60 13.15 4.71 0.96
N GLU A 61 12.79 3.79 1.85
CA GLU A 61 11.40 3.44 2.08
C GLU A 61 10.83 4.09 3.33
N PRO A 62 9.82 4.96 3.14
CA PRO A 62 9.06 5.60 4.24
C PRO A 62 8.66 4.61 5.34
N PHE A 63 8.79 5.05 6.60
CA PHE A 63 8.45 4.28 7.80
C PHE A 63 9.33 3.06 8.07
N PHE A 64 9.71 2.34 7.01
CA PHE A 64 10.42 1.07 7.19
C PHE A 64 11.94 1.24 7.28
N ASP A 65 12.48 2.24 6.60
CA ASP A 65 13.93 2.41 6.56
C ASP A 65 14.43 3.30 7.69
N PHE A 66 15.60 2.95 8.23
CA PHE A 66 16.30 3.77 9.20
C PHE A 66 17.71 4.06 8.69
N ILE A 67 18.09 5.33 8.69
CA ILE A 67 19.46 5.70 8.34
C ILE A 67 20.36 5.50 9.57
N VAL A 68 21.34 4.62 9.44
CA VAL A 68 22.17 4.21 10.57
C VAL A 68 23.58 4.78 10.48
N SER A 69 24.08 4.91 9.26
CA SER A 69 25.44 5.39 9.06
C SER A 69 25.59 6.13 7.74
N ILE A 70 26.42 7.16 7.74
CA ILE A 70 26.76 7.85 6.49
C ILE A 70 28.27 7.90 6.34
N ASN A 71 28.75 7.39 5.21
CA ASN A 71 30.17 7.29 4.90
C ASN A 71 30.97 6.58 6.00
N GLY A 72 30.33 5.69 6.73
CA GLY A 72 31.00 4.91 7.75
C GLY A 72 30.76 5.44 9.16
N SER A 73 30.25 6.67 9.23
CA SER A 73 30.01 7.31 10.52
C SER A 73 28.67 6.91 11.11
N ARG A 74 28.70 6.33 12.31
CA ARG A 74 27.48 5.90 13.00
C ARG A 74 26.71 7.09 13.54
N LEU A 75 25.38 7.01 13.48
CA LEU A 75 24.57 8.14 13.92
C LEU A 75 23.81 7.87 15.23
N ASN A 76 24.55 7.70 16.32
CA ASN A 76 23.99 7.64 17.67
C ASN A 76 23.97 9.08 18.16
N LYS A 77 22.91 9.81 17.83
CA LYS A 77 23.13 11.19 17.44
C LYS A 77 22.07 12.25 17.83
N ASP A 78 21.00 12.34 17.05
CA ASP A 78 20.09 13.49 17.05
C ASP A 78 20.85 14.81 17.23
N ASN A 79 21.83 15.05 16.36
CA ASN A 79 22.59 16.31 16.33
C ASN A 79 22.65 16.80 14.88
N ASP A 80 23.66 17.61 14.55
CA ASP A 80 23.77 18.16 13.20
C ASP A 80 24.79 17.45 12.29
N THR A 81 25.26 16.27 12.69
CA THR A 81 26.30 15.56 11.93
C THR A 81 25.84 15.19 10.52
N LEU A 82 24.69 14.52 10.43
CA LEU A 82 24.10 14.11 9.17
C LEU A 82 23.85 15.30 8.27
N LYS A 83 23.26 16.34 8.86
CA LYS A 83 22.99 17.60 8.17
C LYS A 83 24.25 18.20 7.59
N ASP A 84 25.32 18.21 8.39
CA ASP A 84 26.57 18.82 7.98
C ASP A 84 27.31 17.96 6.94
N LEU A 85 27.24 16.64 7.11
CA LEU A 85 27.90 15.72 6.18
C LEU A 85 27.21 15.75 4.82
N LEU A 86 25.89 15.94 4.80
CA LEU A 86 25.16 16.09 3.54
C LEU A 86 25.56 17.39 2.87
N LYS A 87 25.69 18.45 3.68
CA LYS A 87 25.99 19.78 3.17
C LYS A 87 27.41 19.87 2.64
N ALA A 88 28.32 19.11 3.24
CA ALA A 88 29.72 19.09 2.82
C ALA A 88 29.94 18.28 1.54
N ASN A 89 29.00 17.40 1.23
CA ASN A 89 29.07 16.56 0.04
C ASN A 89 27.95 16.93 -0.93
N VAL A 90 27.67 18.23 -1.03
CA VAL A 90 26.39 18.76 -1.51
C VAL A 90 25.95 18.35 -2.92
N GLU A 91 26.86 17.82 -3.73
CA GLU A 91 26.47 17.28 -5.04
C GLU A 91 27.26 16.02 -5.37
N LYS A 92 27.79 15.37 -4.34
CA LYS A 92 28.52 14.12 -4.51
C LYS A 92 27.71 12.97 -3.96
N PRO A 93 27.95 11.76 -4.47
CA PRO A 93 27.30 10.59 -3.86
C PRO A 93 27.84 10.35 -2.44
N VAL A 94 26.95 10.08 -1.50
CA VAL A 94 27.38 9.67 -0.17
C VAL A 94 26.79 8.28 0.07
N LYS A 95 27.55 7.45 0.76
CA LYS A 95 27.11 6.09 1.06
C LYS A 95 26.39 6.05 2.41
N MET A 96 25.19 5.50 2.41
CA MET A 96 24.41 5.38 3.64
C MET A 96 24.19 3.93 4.03
N LEU A 97 24.24 3.66 5.33
CA LEU A 97 23.85 2.35 5.84
C LEU A 97 22.41 2.44 6.30
N ILE A 98 21.57 1.56 5.74
CA ILE A 98 20.14 1.60 6.01
C ILE A 98 19.68 0.34 6.72
N TYR A 99 18.88 0.52 7.77
CA TYR A 99 18.23 -0.60 8.44
C TYR A 99 16.75 -0.63 8.11
N SER A 100 16.25 -1.82 7.78
CA SER A 100 14.85 -2.00 7.44
C SER A 100 14.12 -2.73 8.55
N SER A 101 13.05 -2.12 9.06
CA SER A 101 12.25 -2.77 10.10
C SER A 101 11.37 -3.86 9.48
N LYS A 102 11.35 -3.89 8.15
CA LYS A 102 10.59 -4.88 7.39
C LYS A 102 11.40 -6.16 7.19
N THR A 103 12.64 -6.00 6.75
CA THR A 103 13.50 -7.15 6.44
C THR A 103 14.41 -7.50 7.61
N LEU A 104 14.51 -6.59 8.58
CA LEU A 104 15.42 -6.73 9.71
C LEU A 104 16.86 -6.82 9.22
N GLU A 105 17.13 -6.17 8.10
CA GLU A 105 18.44 -6.25 7.47
C GLU A 105 19.10 -4.90 7.23
N LEU A 106 20.42 -4.95 7.03
CA LEU A 106 21.20 -3.78 6.71
C LEU A 106 21.55 -3.81 5.22
N ARG A 107 21.50 -2.65 4.58
CA ARG A 107 21.90 -2.56 3.19
C ARG A 107 22.57 -1.22 2.96
N GLU A 108 23.43 -1.18 1.94
CA GLU A 108 24.13 0.03 1.60
C GLU A 108 23.45 0.66 0.39
N ALA A 109 23.16 1.95 0.49
CA ALA A 109 22.58 2.68 -0.62
C ALA A 109 23.44 3.88 -0.95
N SER A 110 23.57 4.18 -2.24
CA SER A 110 24.25 5.39 -2.68
C SER A 110 23.20 6.48 -2.83
N VAL A 111 23.49 7.66 -2.29
CA VAL A 111 22.58 8.78 -2.42
C VAL A 111 23.37 10.07 -2.65
N THR A 112 22.87 10.89 -3.56
CA THR A 112 23.53 12.13 -3.91
C THR A 112 22.67 13.31 -3.48
N PRO A 113 23.01 13.92 -2.33
CA PRO A 113 22.26 15.12 -1.92
C PRO A 113 22.41 16.21 -2.98
N SER A 114 21.41 17.06 -3.14
CA SER A 114 21.47 18.06 -4.22
C SER A 114 20.48 19.19 -4.03
N ASN A 115 20.83 20.35 -4.58
CA ASN A 115 19.93 21.49 -4.61
C ASN A 115 19.22 21.58 -5.97
N LEU A 116 19.59 20.68 -6.89
CA LEU A 116 19.18 20.83 -8.28
C LEU A 116 17.93 20.02 -8.63
N TRP A 117 17.40 19.29 -7.66
CA TRP A 117 16.16 18.57 -7.88
C TRP A 117 15.11 19.61 -7.55
N GLY A 118 13.85 19.37 -7.86
CA GLY A 118 12.88 20.46 -7.78
C GLY A 118 12.19 20.61 -6.43
N GLY A 119 12.53 19.74 -5.49
CA GLY A 119 11.95 19.78 -4.16
C GLY A 119 12.67 20.54 -3.06
N GLN A 120 12.37 20.14 -1.82
CA GLN A 120 12.85 20.82 -0.62
CA GLN A 120 12.87 20.82 -0.63
C GLN A 120 13.88 19.97 0.15
N GLY A 121 15.04 20.56 0.44
CA GLY A 121 16.07 19.84 1.15
C GLY A 121 17.07 19.21 0.21
N LEU A 122 18.11 18.59 0.75
CA LEU A 122 19.15 17.98 -0.07
C LEU A 122 18.84 16.52 -0.42
N LEU A 123 18.04 15.85 0.40
CA LEU A 123 17.67 14.46 0.13
C LEU A 123 16.19 14.37 -0.23
N GLY A 124 15.41 15.35 0.24
CA GLY A 124 13.99 15.33 0.04
C GLY A 124 13.32 14.30 0.92
N VAL A 125 13.85 14.17 2.13
CA VAL A 125 13.37 13.18 3.07
C VAL A 125 13.10 13.82 4.41
N SER A 126 11.89 13.62 4.92
CA SER A 126 11.56 14.01 6.29
C SER A 126 11.99 12.88 7.21
N ILE A 127 12.71 13.21 8.28
CA ILE A 127 13.23 12.19 9.17
C ILE A 127 12.93 12.49 10.64
N ARG A 128 13.14 11.48 11.49
CA ARG A 128 13.08 11.65 12.93
C ARG A 128 14.03 10.71 13.63
N PHE A 129 14.71 11.21 14.64
CA PHE A 129 15.64 10.38 15.38
C PHE A 129 14.88 9.62 16.45
N CYS A 130 14.87 8.29 16.32
CA CYS A 130 14.21 7.43 17.28
C CYS A 130 14.83 6.04 17.24
N SER A 131 14.30 5.13 18.04
CA SER A 131 14.79 3.76 18.03
C SER A 131 13.94 2.93 17.08
N PHE A 132 14.58 2.01 16.38
CA PHE A 132 13.88 1.15 15.44
C PHE A 132 13.45 -0.13 16.15
N ASP A 133 13.85 -0.26 17.40
CA ASP A 133 13.51 -1.45 18.19
C ASP A 133 12.02 -1.45 18.50
N GLY A 134 11.29 -2.32 17.82
CA GLY A 134 9.86 -2.44 18.00
C GLY A 134 9.09 -1.25 17.46
N ALA A 135 9.49 -0.76 16.28
CA ALA A 135 8.82 0.36 15.66
C ALA A 135 7.67 -0.11 14.76
N ASN A 136 7.74 -1.35 14.32
CA ASN A 136 6.72 -1.93 13.46
C ASN A 136 5.42 -2.26 14.20
N GLU A 137 5.45 -2.16 15.52
CA GLU A 137 4.26 -2.41 16.34
C GLU A 137 3.53 -1.10 16.60
N ASN A 138 4.32 -0.05 16.80
CA ASN A 138 3.82 1.25 17.22
C ASN A 138 3.09 1.98 16.09
N VAL A 139 1.98 1.40 15.67
CA VAL A 139 1.19 1.91 14.54
C VAL A 139 -0.27 1.96 14.95
N TRP A 140 -0.93 3.06 14.63
CA TRP A 140 -2.36 3.17 14.91
C TRP A 140 -3.13 3.33 13.62
N HIS A 141 -3.92 2.30 13.34
CA HIS A 141 -4.69 2.23 12.10
C HIS A 141 -5.98 3.04 12.20
N VAL A 142 -6.13 4.00 11.29
CA VAL A 142 -7.36 4.76 11.22
C VAL A 142 -8.45 3.87 10.62
N LEU A 143 -9.51 3.63 11.38
CA LEU A 143 -10.61 2.79 10.90
C LEU A 143 -11.69 3.67 10.30
N GLU A 144 -12.91 3.60 10.81
CA GLU A 144 -13.99 4.41 10.25
C GLU A 144 -13.78 5.87 10.60
N VAL A 145 -14.30 6.77 9.76
CA VAL A 145 -14.18 8.21 9.99
C VAL A 145 -15.52 8.89 9.77
N GLU A 146 -16.03 9.53 10.82
CA GLU A 146 -17.32 10.21 10.72
C GLU A 146 -17.21 11.48 9.88
N SER A 147 -18.33 11.89 9.27
CA SER A 147 -18.39 13.14 8.53
C SER A 147 -18.23 14.31 9.49
N ASN A 148 -17.57 15.37 9.02
CA ASN A 148 -17.38 16.59 9.79
C ASN A 148 -16.65 16.35 11.12
N SER A 149 -16.08 15.16 11.28
CA SER A 149 -15.30 14.83 12.46
C SER A 149 -13.96 15.57 12.40
N PRO A 150 -13.34 15.79 13.56
CA PRO A 150 -11.98 16.35 13.60
C PRO A 150 -11.02 15.61 12.69
N ALA A 151 -11.10 14.29 12.67
CA ALA A 151 -10.25 13.48 11.81
C ALA A 151 -10.50 13.78 10.34
N ALA A 152 -11.76 13.93 9.97
CA ALA A 152 -12.14 14.18 8.58
C ALA A 152 -11.60 15.52 8.11
N LEU A 153 -11.76 16.53 8.95
CA LEU A 153 -11.42 17.90 8.58
C LEU A 153 -9.91 18.09 8.58
N ALA A 154 -9.22 17.26 9.36
CA ALA A 154 -7.77 17.30 9.44
C ALA A 154 -7.12 16.64 8.22
N GLY A 155 -7.88 15.78 7.55
CA GLY A 155 -7.38 15.09 6.37
C GLY A 155 -7.28 13.59 6.54
N LEU A 156 -7.53 13.08 7.75
CA LEU A 156 -7.46 11.64 8.00
C LEU A 156 -8.51 10.88 7.21
N ARG A 157 -8.10 9.76 6.63
CA ARG A 157 -8.99 8.97 5.79
C ARG A 157 -9.10 7.54 6.29
N PRO A 158 -10.29 6.93 6.11
CA PRO A 158 -10.57 5.60 6.67
C PRO A 158 -9.80 4.46 6.02
N HIS A 159 -9.18 3.62 6.87
CA HIS A 159 -8.57 2.35 6.48
C HIS A 159 -7.28 2.48 5.69
N SER A 160 -7.15 3.55 4.89
CA SER A 160 -5.95 3.78 4.11
C SER A 160 -4.86 4.43 4.95
N ASP A 161 -5.26 5.18 5.98
CA ASP A 161 -4.30 5.91 6.79
C ASP A 161 -3.89 5.20 8.07
N TYR A 162 -2.60 5.31 8.40
CA TYR A 162 -2.03 4.73 9.61
C TYR A 162 -1.28 5.81 10.37
N ILE A 163 -1.68 6.05 11.62
CA ILE A 163 -1.01 7.05 12.44
C ILE A 163 0.22 6.43 13.08
N ILE A 164 1.39 6.99 12.77
CA ILE A 164 2.66 6.42 13.23
C ILE A 164 3.42 7.32 14.19
N GLY A 165 2.87 8.49 14.50
CA GLY A 165 3.49 9.37 15.47
C GLY A 165 3.01 10.82 15.50
N ALA A 166 3.66 11.61 16.35
CA ALA A 166 3.33 13.03 16.53
C ALA A 166 4.58 13.81 16.94
N ASP A 167 4.44 15.12 17.12
CA ASP A 167 5.54 15.90 17.67
C ASP A 167 5.38 15.93 19.19
N THR A 168 6.40 15.45 19.89
CA THR A 168 6.30 15.21 21.33
C THR A 168 7.50 15.64 22.19
N VAL A 169 7.24 16.36 23.29
CA VAL A 169 8.21 16.71 24.33
C VAL A 169 7.28 17.34 25.38
N MET A 170 7.64 17.40 26.67
CA MET A 170 8.85 16.86 27.29
C MET A 170 8.63 15.35 27.45
N ASN A 171 9.44 14.62 28.23
CA ASN A 171 9.39 13.15 28.23
C ASN A 171 7.96 12.70 28.47
N GLU A 172 7.42 11.93 27.52
CA GLU A 172 6.01 11.61 27.56
C GLU A 172 5.70 10.21 27.01
N SER A 173 4.87 10.18 25.97
CA SER A 173 4.31 8.96 25.41
C SER A 173 5.09 8.26 24.31
N GLU A 174 4.71 7.00 24.12
CA GLU A 174 5.03 6.22 22.93
C GLU A 174 3.67 5.85 22.35
N ASP A 175 2.65 5.96 23.20
CA ASP A 175 1.27 5.60 22.87
C ASP A 175 0.41 6.81 22.50
N LEU A 176 -0.45 6.62 21.49
CA LEU A 176 -1.14 7.70 20.78
C LEU A 176 -2.16 8.48 21.62
N PHE A 177 -3.13 7.78 22.22
CA PHE A 177 -4.22 8.42 22.97
C PHE A 177 -3.78 9.43 24.04
N SER A 178 -2.60 9.21 24.63
CA SER A 178 -2.12 10.04 25.73
C SER A 178 -1.79 11.46 25.26
N LEU A 179 -2.10 11.76 24.00
CA LEU A 179 -1.86 13.06 23.40
C LEU A 179 -3.19 13.75 23.05
N ILE A 180 -4.21 12.94 22.73
CA ILE A 180 -5.49 13.43 22.25
C ILE A 180 -6.20 14.29 23.30
N GLU A 181 -5.99 13.96 24.57
CA GLU A 181 -6.57 14.70 25.67
C GLU A 181 -5.74 15.96 25.96
N THR A 182 -4.44 15.88 25.71
CA THR A 182 -3.52 16.98 26.00
C THR A 182 -3.80 18.19 25.11
N HIS A 183 -4.20 17.91 23.87
CA HIS A 183 -4.45 18.95 22.89
C HIS A 183 -5.95 19.18 22.70
N GLU A 184 -6.68 19.35 23.81
CA GLU A 184 -8.14 19.38 23.78
C GLU A 184 -8.65 20.64 23.07
N ALA A 185 -7.73 21.52 22.69
CA ALA A 185 -8.01 22.63 21.79
C ALA A 185 -6.76 23.02 21.01
N LYS A 186 -5.62 23.02 21.71
CA LYS A 186 -4.28 23.09 21.12
C LYS A 186 -4.24 22.17 19.89
N PRO A 187 -3.93 22.71 18.70
CA PRO A 187 -3.76 21.86 17.51
C PRO A 187 -2.68 20.78 17.68
N LEU A 188 -2.81 19.67 16.95
CA LEU A 188 -1.88 18.54 17.07
C LEU A 188 -1.39 18.09 15.70
N LYS A 189 -0.11 17.71 15.63
CA LYS A 189 0.48 17.26 14.39
C LYS A 189 0.63 15.74 14.45
N LEU A 190 0.29 15.07 13.37
CA LEU A 190 0.40 13.62 13.34
C LEU A 190 1.21 13.18 12.14
N TYR A 191 1.95 12.10 12.30
CA TYR A 191 2.68 11.50 11.20
C TYR A 191 1.82 10.36 10.67
N VAL A 192 1.38 10.48 9.43
CA VAL A 192 0.41 9.55 8.88
C VAL A 192 0.96 8.85 7.65
N TYR A 193 0.90 7.52 7.67
CA TYR A 193 1.31 6.71 6.53
C TYR A 193 0.07 6.27 5.77
N ASN A 194 0.11 6.43 4.44
CA ASN A 194 -1.01 6.00 3.59
C ASN A 194 -0.60 4.84 2.70
N THR A 195 -1.38 3.76 2.76
CA THR A 195 -1.02 2.51 2.08
C THR A 195 -1.18 2.57 0.56
N ASP A 196 -1.80 3.63 0.05
CA ASP A 196 -1.86 3.82 -1.40
C ASP A 196 -0.64 4.59 -1.87
N THR A 197 -0.31 5.69 -1.19
CA THR A 197 0.84 6.51 -1.56
C THR A 197 2.14 5.85 -1.12
N ASP A 198 2.04 4.93 -0.16
CA ASP A 198 3.19 4.29 0.45
C ASP A 198 4.14 5.36 0.99
N ASN A 199 3.57 6.37 1.63
CA ASN A 199 4.36 7.52 2.06
C ASN A 199 3.78 8.19 3.30
N CYS A 200 4.62 8.96 3.98
CA CYS A 200 4.20 9.67 5.18
C CYS A 200 3.84 11.12 4.86
N ARG A 201 2.97 11.69 5.68
CA ARG A 201 2.61 13.10 5.55
C ARG A 201 2.22 13.63 6.92
N GLU A 202 2.15 14.94 7.06
CA GLU A 202 1.77 15.53 8.34
C GLU A 202 0.33 15.99 8.30
N VAL A 203 -0.39 15.69 9.38
CA VAL A 203 -1.81 16.01 9.49
C VAL A 203 -2.05 16.86 10.73
N ILE A 204 -2.73 17.99 10.53
CA ILE A 204 -3.06 18.92 11.60
C ILE A 204 -4.42 18.60 12.19
N ILE A 205 -4.47 18.10 13.42
CA ILE A 205 -5.76 17.70 13.97
C ILE A 205 -6.10 18.51 15.23
N THR A 206 -7.39 18.79 15.38
CA THR A 206 -7.89 19.58 16.50
C THR A 206 -8.85 18.74 17.35
N PRO A 207 -8.30 18.01 18.33
CA PRO A 207 -9.09 17.14 19.20
C PRO A 207 -10.24 17.90 19.88
N ASN A 208 -11.45 17.40 19.74
CA ASN A 208 -12.63 18.02 20.33
C ASN A 208 -13.61 16.96 20.82
N SER A 209 -13.61 16.70 22.12
CA SER A 209 -14.48 15.68 22.71
C SER A 209 -15.95 16.11 22.65
N ALA A 210 -16.17 17.38 22.36
CA ALA A 210 -17.51 17.96 22.30
C ALA A 210 -17.94 18.23 20.86
N TRP A 211 -17.25 17.60 19.91
CA TRP A 211 -17.53 17.81 18.49
C TRP A 211 -18.89 17.26 18.04
N GLY A 212 -19.55 16.52 18.93
CA GLY A 212 -20.85 15.95 18.63
C GLY A 212 -20.78 14.62 17.90
N GLY A 213 -19.97 13.70 18.44
CA GLY A 213 -19.83 12.39 17.85
C GLY A 213 -18.89 11.51 18.63
N GLU A 214 -18.35 10.50 17.96
CA GLU A 214 -17.52 9.48 18.58
C GLU A 214 -16.17 10.04 19.05
N GLY A 215 -15.81 9.72 20.29
CA GLY A 215 -14.51 10.10 20.84
C GLY A 215 -14.16 11.58 20.73
N SER A 216 -12.86 11.86 20.60
CA SER A 216 -12.37 13.23 20.48
C SER A 216 -11.87 13.50 19.06
N LEU A 217 -11.74 12.45 18.27
CA LEU A 217 -11.26 12.57 16.89
C LEU A 217 -12.36 12.24 15.89
N GLY A 218 -13.33 11.43 16.30
CA GLY A 218 -14.43 11.05 15.43
C GLY A 218 -14.03 9.91 14.51
N CYS A 219 -13.05 9.13 14.92
CA CYS A 219 -12.59 8.01 14.12
C CYS A 219 -12.30 6.80 15.00
N GLY A 220 -12.24 5.63 14.39
CA GLY A 220 -11.87 4.41 15.08
C GLY A 220 -10.37 4.18 15.00
N ILE A 221 -9.85 3.34 15.89
CA ILE A 221 -8.43 3.05 15.94
C ILE A 221 -8.20 1.55 16.08
N GLY A 222 -7.33 1.01 15.23
CA GLY A 222 -6.94 -0.38 15.36
C GLY A 222 -5.48 -0.47 15.73
N TYR A 223 -5.16 -1.44 16.59
CA TYR A 223 -3.79 -1.66 17.04
C TYR A 223 -3.50 -3.15 17.08
N GLY A 224 -2.35 -3.53 16.52
CA GLY A 224 -1.91 -4.92 16.61
C GLY A 224 -1.69 -5.58 15.27
N TYR A 225 -1.58 -6.91 15.30
CA TYR A 225 -1.30 -7.70 14.11
C TYR A 225 -2.35 -7.54 13.00
N LEU A 226 -3.58 -7.24 13.38
CA LEU A 226 -4.65 -7.05 12.40
C LEU A 226 -4.64 -5.63 11.85
N HIS A 227 -3.75 -4.79 12.39
CA HIS A 227 -3.75 -3.38 12.05
C HIS A 227 -2.33 -2.86 11.89
N ARG A 228 -1.51 -3.65 11.20
CA ARG A 228 -0.13 -3.32 10.87
CA ARG A 228 -0.16 -3.22 10.90
C ARG A 228 -0.02 -2.76 9.45
N ILE A 229 1.05 -2.01 9.19
CA ILE A 229 1.35 -1.57 7.84
C ILE A 229 1.71 -2.82 7.04
N PRO A 230 1.06 -3.02 5.89
CA PRO A 230 1.17 -4.24 5.09
C PRO A 230 2.59 -4.54 4.63
N THR A 231 2.89 -5.82 4.45
CA THR A 231 4.23 -6.24 4.05
C THR A 231 4.13 -7.20 2.87
N ARG A 232 5.01 -7.03 1.88
CA ARG A 232 5.04 -7.91 0.73
C ARG A 232 5.45 -9.32 1.17
N PRO A 233 5.12 -10.33 0.37
CA PRO A 233 5.45 -11.70 0.80
C PRO A 233 6.95 -12.00 0.80
N PHE A 234 7.73 -11.34 -0.03
CA PHE A 234 9.14 -11.72 -0.18
C PHE A 234 10.13 -10.57 -0.10
N GLU A 235 11.35 -10.88 0.32
CA GLU A 235 12.46 -9.92 0.42
C GLU A 235 12.95 -9.47 -0.94
N SER B 13 -41.96 -1.95 18.19
CA SER B 13 -40.55 -2.29 18.03
C SER B 13 -39.73 -1.08 17.60
N THR B 14 -39.15 -0.37 18.56
CA THR B 14 -38.26 0.75 18.27
C THR B 14 -36.84 0.26 18.01
N SER B 15 -36.32 0.59 16.84
CA SER B 15 -34.95 0.25 16.46
C SER B 15 -33.94 0.91 17.39
N LEU B 16 -32.93 0.15 17.78
CA LEU B 16 -31.85 0.68 18.63
C LEU B 16 -30.70 1.11 17.74
N TYR B 17 -31.03 1.30 16.47
CA TYR B 17 -30.05 1.78 15.51
C TYR B 17 -30.59 3.02 14.82
N LYS B 18 -29.67 3.85 14.35
CA LYS B 18 -29.98 5.06 13.63
C LYS B 18 -28.94 5.25 12.54
N LYS B 19 -28.97 6.41 11.88
CA LYS B 19 -28.09 6.63 10.75
C LYS B 19 -27.04 7.69 11.05
N ALA B 20 -25.86 7.51 10.48
CA ALA B 20 -24.77 8.46 10.65
C ALA B 20 -23.96 8.53 9.36
N GLY B 21 -23.33 9.68 9.13
CA GLY B 21 -22.54 9.86 7.93
C GLY B 21 -21.10 9.44 8.14
N PHE B 22 -20.54 8.76 7.15
CA PHE B 22 -19.15 8.32 7.22
C PHE B 22 -18.45 8.53 5.89
N LEU B 23 -17.12 8.58 5.92
CA LEU B 23 -16.35 8.74 4.69
C LEU B 23 -16.17 7.41 3.98
N VAL B 24 -16.44 7.40 2.68
CA VAL B 24 -16.25 6.24 1.84
C VAL B 24 -15.46 6.65 0.60
N PRO B 25 -14.74 5.70 -0.03
CA PRO B 25 -14.00 6.01 -1.26
C PRO B 25 -14.93 6.44 -2.39
N ARG B 26 -14.47 7.34 -3.26
CA ARG B 26 -15.29 7.81 -4.37
C ARG B 26 -15.84 6.67 -5.23
N GLY B 27 -15.00 5.69 -5.55
CA GLY B 27 -15.48 4.56 -6.31
C GLY B 27 -16.28 3.60 -5.45
N SER B 28 -17.35 4.10 -4.83
CA SER B 28 -18.22 3.28 -3.99
C SER B 28 -19.65 3.81 -4.00
N GLY B 29 -20.57 3.09 -4.66
CA GLY B 29 -20.23 1.96 -5.50
C GLY B 29 -19.95 2.44 -6.92
N SER B 30 -19.08 3.45 -7.03
CA SER B 30 -18.70 4.04 -8.30
C SER B 30 -19.94 4.70 -8.89
N SER B 31 -20.87 5.07 -8.02
CA SER B 31 -22.22 5.40 -8.45
C SER B 31 -22.55 6.84 -8.82
N GLN B 32 -22.87 7.14 -10.09
CA GLN B 32 -22.63 6.34 -11.31
C GLN B 32 -22.57 7.26 -12.53
N SER B 33 -21.37 7.47 -13.07
CA SER B 33 -21.22 8.21 -14.31
C SER B 33 -20.18 7.52 -15.19
N VAL B 34 -20.60 7.00 -16.34
CA VAL B 34 -19.69 6.20 -17.16
C VAL B 34 -18.89 7.10 -18.12
N GLU B 35 -19.56 8.09 -18.71
CA GLU B 35 -18.93 9.10 -19.59
C GLU B 35 -17.90 8.58 -20.62
N ILE B 36 -18.05 7.33 -21.05
CA ILE B 36 -17.04 6.66 -21.89
C ILE B 36 -17.17 6.91 -23.40
N PRO B 37 -16.14 7.54 -24.00
CA PRO B 37 -15.99 7.67 -25.45
C PRO B 37 -15.91 6.30 -26.11
N GLY B 38 -16.82 6.02 -27.04
CA GLY B 38 -16.92 4.69 -27.62
C GLY B 38 -18.15 3.98 -27.09
N GLY B 39 -18.57 4.39 -25.89
CA GLY B 39 -19.86 4.00 -25.35
C GLY B 39 -19.86 2.80 -24.41
N GLY B 40 -18.82 1.98 -24.46
CA GLY B 40 -18.79 0.75 -23.70
C GLY B 40 -18.74 0.91 -22.19
N THR B 41 -18.56 -0.21 -21.50
CA THR B 41 -18.36 -0.24 -20.06
C THR B 41 -17.21 -1.19 -19.75
N GLU B 42 -16.70 -1.81 -20.81
CA GLU B 42 -15.66 -2.82 -20.70
C GLU B 42 -14.34 -2.30 -21.28
N GLY B 43 -13.24 -2.89 -20.84
CA GLY B 43 -11.93 -2.49 -21.28
C GLY B 43 -10.90 -3.51 -20.83
N TYR B 44 -9.63 -3.13 -20.83
CA TYR B 44 -8.60 -4.05 -20.40
C TYR B 44 -8.13 -3.71 -18.99
N HIS B 45 -8.42 -4.62 -18.06
CA HIS B 45 -8.10 -4.41 -16.66
C HIS B 45 -6.59 -4.56 -16.47
N VAL B 46 -5.94 -3.48 -16.03
CA VAL B 46 -4.50 -3.53 -15.82
C VAL B 46 -4.20 -4.30 -14.54
N LEU B 47 -3.59 -5.47 -14.70
CA LEU B 47 -3.21 -6.27 -13.55
C LEU B 47 -1.75 -6.02 -13.19
N ARG B 48 -0.88 -6.99 -13.41
CA ARG B 48 0.52 -6.83 -13.05
C ARG B 48 1.23 -5.85 -13.98
N VAL B 49 1.99 -4.93 -13.39
CA VAL B 49 2.84 -4.03 -14.14
C VAL B 49 4.30 -4.31 -13.79
N GLN B 50 5.05 -4.83 -14.74
CA GLN B 50 6.45 -5.16 -14.48
C GLN B 50 7.27 -3.91 -14.19
N GLU B 51 8.37 -4.11 -13.48
CA GLU B 51 9.25 -3.03 -13.03
C GLU B 51 10.16 -2.55 -14.15
N ASN B 52 10.37 -1.24 -14.22
CA ASN B 52 11.19 -0.62 -15.25
C ASN B 52 10.64 -0.99 -16.63
N SER B 53 9.33 -1.21 -16.69
CA SER B 53 8.65 -1.53 -17.94
C SER B 53 8.20 -0.24 -18.62
N PRO B 54 7.88 -0.32 -19.91
CA PRO B 54 7.24 0.83 -20.56
C PRO B 54 5.95 1.19 -19.84
N GLY B 55 5.19 0.18 -19.44
CA GLY B 55 3.95 0.39 -18.73
C GLY B 55 4.15 1.08 -17.39
N HIS B 56 5.23 0.70 -16.71
CA HIS B 56 5.57 1.34 -15.43
C HIS B 56 5.92 2.81 -15.66
N ARG B 57 6.73 3.05 -16.67
CA ARG B 57 7.15 4.40 -17.03
C ARG B 57 5.94 5.27 -17.43
N ALA B 58 4.91 4.63 -17.98
CA ALA B 58 3.72 5.35 -18.43
C ALA B 58 2.76 5.63 -17.29
N GLY B 59 3.05 5.08 -16.11
CA GLY B 59 2.26 5.34 -14.92
C GLY B 59 0.99 4.53 -14.77
N LEU B 60 0.94 3.37 -15.43
CA LEU B 60 -0.22 2.48 -15.32
C LEU B 60 -0.33 1.88 -13.93
N GLU B 61 -1.50 2.02 -13.31
CA GLU B 61 -1.72 1.53 -11.96
C GLU B 61 -2.45 0.19 -11.94
N PRO B 62 -1.77 -0.86 -11.47
CA PRO B 62 -2.33 -2.21 -11.28
C PRO B 62 -3.69 -2.17 -10.58
N PHE B 63 -4.62 -3.00 -11.05
CA PHE B 63 -5.99 -3.11 -10.53
C PHE B 63 -6.90 -1.90 -10.75
N PHE B 64 -6.36 -0.69 -10.62
CA PHE B 64 -7.19 0.51 -10.67
C PHE B 64 -7.39 1.03 -12.09
N ASP B 65 -6.39 0.83 -12.94
CA ASP B 65 -6.44 1.38 -14.29
C ASP B 65 -7.09 0.42 -15.29
N PHE B 66 -7.86 0.98 -16.20
CA PHE B 66 -8.41 0.22 -17.31
C PHE B 66 -8.01 0.86 -18.62
N ILE B 67 -7.45 0.06 -19.53
CA ILE B 67 -7.15 0.56 -20.87
C ILE B 67 -8.41 0.47 -21.71
N VAL B 68 -8.92 1.63 -22.15
CA VAL B 68 -10.21 1.66 -22.84
C VAL B 68 -10.00 1.98 -24.33
N SER B 69 -8.93 2.71 -24.64
CA SER B 69 -8.66 3.12 -26.01
C SER B 69 -7.17 3.27 -26.29
N ILE B 70 -6.76 2.91 -27.50
CA ILE B 70 -5.39 3.13 -27.96
C ILE B 70 -5.35 3.86 -29.30
N ASN B 71 -4.64 4.99 -29.33
CA ASN B 71 -4.56 5.85 -30.51
C ASN B 71 -5.92 6.22 -31.09
N GLY B 72 -6.94 6.25 -30.24
CA GLY B 72 -8.27 6.65 -30.66
C GLY B 72 -9.18 5.48 -30.92
N SER B 73 -8.59 4.29 -31.03
CA SER B 73 -9.35 3.08 -31.31
C SER B 73 -9.92 2.50 -30.02
N ARG B 74 -11.24 2.37 -29.99
CA ARG B 74 -11.93 1.84 -28.81
C ARG B 74 -11.71 0.33 -28.67
N LEU B 75 -11.56 -0.13 -27.44
CA LEU B 75 -11.29 -1.52 -27.15
C LEU B 75 -12.52 -2.15 -26.50
N ASN B 76 -13.56 -2.33 -27.31
CA ASN B 76 -14.81 -2.97 -26.87
C ASN B 76 -14.81 -4.48 -26.92
N LYS B 77 -13.76 -5.09 -27.47
CA LYS B 77 -13.82 -6.53 -27.66
C LYS B 77 -12.48 -7.24 -27.46
N ASP B 78 -12.56 -8.41 -26.82
CA ASP B 78 -11.40 -9.17 -26.38
C ASP B 78 -10.70 -9.77 -27.59
N ASN B 79 -10.11 -8.92 -28.43
CA ASN B 79 -9.41 -9.40 -29.61
C ASN B 79 -7.93 -9.03 -29.63
N ASP B 80 -7.34 -9.04 -30.81
CA ASP B 80 -5.91 -8.82 -30.94
C ASP B 80 -5.54 -7.42 -31.43
N THR B 81 -6.51 -6.51 -31.40
CA THR B 81 -6.31 -5.15 -31.90
C THR B 81 -5.23 -4.42 -31.09
N LEU B 82 -5.38 -4.42 -29.77
CA LEU B 82 -4.44 -3.75 -28.89
C LEU B 82 -3.02 -4.29 -29.06
N LYS B 83 -2.89 -5.61 -29.07
CA LYS B 83 -1.60 -6.27 -29.29
C LYS B 83 -1.00 -5.85 -30.63
N ASP B 84 -1.83 -5.80 -31.67
CA ASP B 84 -1.38 -5.50 -33.01
C ASP B 84 -1.01 -4.03 -33.21
N LEU B 85 -1.74 -3.11 -32.59
CA LEU B 85 -1.45 -1.69 -32.73
C LEU B 85 -0.14 -1.34 -32.04
N LEU B 86 0.15 -2.01 -30.92
CA LEU B 86 1.40 -1.82 -30.21
C LEU B 86 2.55 -2.36 -31.07
N LYS B 87 2.28 -3.47 -31.74
CA LYS B 87 3.27 -4.14 -32.56
C LYS B 87 3.63 -3.32 -33.79
N ALA B 88 2.67 -2.56 -34.30
CA ALA B 88 2.90 -1.70 -35.45
C ALA B 88 3.65 -0.41 -35.11
N ASN B 89 3.64 -0.04 -33.83
CA ASN B 89 4.30 1.19 -33.37
C ASN B 89 5.46 0.84 -32.44
N VAL B 90 6.18 -0.23 -32.80
CA VAL B 90 7.01 -1.01 -31.89
C VAL B 90 8.14 -0.27 -31.15
N GLU B 91 8.51 0.92 -31.59
CA GLU B 91 9.49 1.72 -30.83
C GLU B 91 9.10 3.19 -30.87
N LYS B 92 7.83 3.44 -31.18
CA LYS B 92 7.29 4.78 -31.23
C LYS B 92 6.27 5.00 -30.11
N PRO B 93 6.03 6.26 -29.73
CA PRO B 93 5.01 6.59 -28.73
C PRO B 93 3.58 6.24 -29.17
N VAL B 94 2.81 5.67 -28.26
CA VAL B 94 1.39 5.40 -28.49
C VAL B 94 0.54 6.11 -27.44
N LYS B 95 -0.60 6.65 -27.86
CA LYS B 95 -1.52 7.28 -26.91
C LYS B 95 -2.56 6.29 -26.42
N MET B 96 -2.68 6.15 -25.11
CA MET B 96 -3.68 5.28 -24.52
C MET B 96 -4.67 6.10 -23.72
N LEU B 97 -5.95 5.75 -23.80
CA LEU B 97 -6.95 6.36 -22.94
C LEU B 97 -7.16 5.45 -21.75
N ILE B 98 -6.98 5.99 -20.55
CA ILE B 98 -7.04 5.19 -19.34
C ILE B 98 -8.20 5.59 -18.44
N TYR B 99 -8.93 4.60 -17.95
CA TYR B 99 -9.97 4.84 -16.95
C TYR B 99 -9.52 4.30 -15.60
N SER B 100 -9.70 5.11 -14.56
CA SER B 100 -9.31 4.72 -13.20
C SER B 100 -10.53 4.44 -12.34
N SER B 101 -10.57 3.26 -11.74
CA SER B 101 -11.67 2.93 -10.84
C SER B 101 -11.48 3.65 -9.50
N LYS B 102 -10.32 4.29 -9.36
CA LYS B 102 -9.99 5.07 -8.17
C LYS B 102 -10.53 6.49 -8.26
N THR B 103 -10.27 7.14 -9.38
CA THR B 103 -10.67 8.54 -9.58
C THR B 103 -11.97 8.65 -10.37
N LEU B 104 -12.37 7.54 -11.00
CA LEU B 104 -13.53 7.49 -11.90
C LEU B 104 -13.33 8.46 -13.05
N GLU B 105 -12.07 8.70 -13.42
CA GLU B 105 -11.78 9.66 -14.47
C GLU B 105 -10.93 9.10 -15.61
N LEU B 106 -10.93 9.81 -16.72
CA LEU B 106 -10.18 9.45 -17.90
C LEU B 106 -8.92 10.29 -18.03
N ARG B 107 -7.84 9.65 -18.45
CA ARG B 107 -6.60 10.35 -18.71
C ARG B 107 -5.85 9.68 -19.84
N GLU B 108 -5.05 10.47 -20.55
CA GLU B 108 -4.24 9.93 -21.64
C GLU B 108 -2.82 9.73 -21.14
N ALA B 109 -2.25 8.57 -21.46
CA ALA B 109 -0.87 8.32 -21.11
C ALA B 109 -0.09 8.01 -22.37
N SER B 110 1.15 8.49 -22.43
CA SER B 110 2.02 8.17 -23.54
C SER B 110 2.82 6.95 -23.16
N VAL B 111 2.88 5.97 -24.04
CA VAL B 111 3.65 4.78 -23.78
C VAL B 111 4.37 4.32 -25.05
N THR B 112 5.62 3.92 -24.89
CA THR B 112 6.42 3.49 -26.02
C THR B 112 6.73 2.00 -25.90
N PRO B 113 5.98 1.18 -26.67
CA PRO B 113 6.21 -0.27 -26.73
C PRO B 113 7.63 -0.54 -27.22
N SER B 114 8.22 -1.68 -26.87
CA SER B 114 9.60 -1.95 -27.26
C SER B 114 9.94 -3.43 -27.23
N ASN B 115 10.89 -3.83 -28.07
CA ASN B 115 11.41 -5.20 -28.08
C ASN B 115 12.68 -5.30 -27.26
N LEU B 116 13.14 -4.14 -26.80
CA LEU B 116 14.46 -3.97 -26.21
C LEU B 116 14.41 -3.97 -24.68
N TRP B 117 13.25 -4.27 -24.11
CA TRP B 117 13.01 -3.97 -22.71
C TRP B 117 13.60 -4.94 -21.62
N GLY B 118 14.20 -6.08 -21.96
CA GLY B 118 13.67 -7.10 -22.83
C GLY B 118 13.03 -8.08 -21.86
N GLY B 119 11.98 -7.65 -21.18
CA GLY B 119 11.23 -8.52 -20.29
C GLY B 119 10.12 -9.13 -21.13
N GLN B 120 9.03 -9.54 -20.51
CA GLN B 120 7.97 -10.17 -21.28
C GLN B 120 6.92 -9.17 -21.75
N GLY B 121 6.67 -9.16 -23.05
CA GLY B 121 5.70 -8.26 -23.65
C GLY B 121 6.33 -6.98 -24.18
N LEU B 122 5.52 -6.15 -24.83
CA LEU B 122 6.02 -4.91 -25.41
C LEU B 122 5.91 -3.80 -24.37
N LEU B 123 4.98 -3.98 -23.44
CA LEU B 123 4.75 -3.02 -22.36
C LEU B 123 5.14 -3.58 -21.01
N GLY B 124 5.12 -4.91 -20.90
CA GLY B 124 5.38 -5.57 -19.63
C GLY B 124 4.23 -5.45 -18.67
N VAL B 125 3.01 -5.58 -19.21
CA VAL B 125 1.81 -5.43 -18.43
C VAL B 125 0.89 -6.62 -18.63
N SER B 126 0.49 -7.25 -17.53
CA SER B 126 -0.52 -8.30 -17.57
C SER B 126 -1.90 -7.67 -17.52
N ILE B 127 -2.77 -8.08 -18.45
CA ILE B 127 -4.11 -7.52 -18.52
C ILE B 127 -5.20 -8.58 -18.65
N ARG B 128 -6.45 -8.18 -18.42
CA ARG B 128 -7.59 -9.02 -18.70
C ARG B 128 -8.79 -8.17 -19.08
N PHE B 129 -9.59 -8.67 -20.02
CA PHE B 129 -10.75 -7.95 -20.49
C PHE B 129 -11.97 -8.18 -19.59
N CYS B 130 -12.43 -7.12 -18.95
CA CYS B 130 -13.63 -7.16 -18.11
C CYS B 130 -14.24 -5.78 -18.01
N SER B 131 -15.31 -5.65 -17.23
CA SER B 131 -15.97 -4.36 -17.05
C SER B 131 -15.45 -3.64 -15.81
N PHE B 132 -15.34 -2.32 -15.91
CA PHE B 132 -14.83 -1.53 -14.79
C PHE B 132 -15.94 -1.03 -13.87
N ASP B 133 -17.19 -1.27 -14.25
CA ASP B 133 -18.32 -0.81 -13.45
C ASP B 133 -18.42 -1.58 -12.15
N GLY B 134 -18.06 -0.93 -11.05
CA GLY B 134 -18.12 -1.56 -9.74
C GLY B 134 -17.08 -2.65 -9.54
N ALA B 135 -15.85 -2.39 -9.99
CA ALA B 135 -14.78 -3.36 -9.86
C ALA B 135 -14.07 -3.18 -8.52
N ASN B 136 -14.22 -1.99 -7.95
CA ASN B 136 -13.62 -1.66 -6.67
C ASN B 136 -14.31 -2.37 -5.49
N GLU B 137 -15.44 -3.03 -5.76
CA GLU B 137 -16.16 -3.78 -4.74
C GLU B 137 -15.75 -5.24 -4.73
N ASN B 138 -15.51 -5.78 -5.93
CA ASN B 138 -15.25 -7.20 -6.11
C ASN B 138 -13.87 -7.60 -5.61
N VAL B 139 -13.66 -7.41 -4.31
CA VAL B 139 -12.36 -7.63 -3.68
C VAL B 139 -12.53 -8.43 -2.40
N TRP B 140 -11.68 -9.42 -2.19
CA TRP B 140 -11.72 -10.17 -0.94
C TRP B 140 -10.42 -10.00 -0.17
N HIS B 141 -10.53 -9.39 1.00
CA HIS B 141 -9.37 -9.11 1.83
C HIS B 141 -8.96 -10.38 2.58
N VAL B 142 -7.73 -10.84 2.35
CA VAL B 142 -7.22 -11.97 3.09
C VAL B 142 -6.88 -11.51 4.50
N LEU B 143 -7.53 -12.13 5.49
CA LEU B 143 -7.31 -11.75 6.90
C LEU B 143 -6.26 -12.65 7.51
N GLU B 144 -6.59 -13.36 8.58
CA GLU B 144 -5.62 -14.22 9.23
C GLU B 144 -5.29 -15.42 8.35
N VAL B 145 -4.11 -15.98 8.50
CA VAL B 145 -3.68 -17.14 7.72
C VAL B 145 -3.03 -18.18 8.63
N GLU B 146 -3.60 -19.38 8.68
CA GLU B 146 -3.06 -20.44 9.53
C GLU B 146 -1.75 -20.99 8.94
N SER B 147 -0.89 -21.51 9.81
CA SER B 147 0.33 -22.16 9.37
C SER B 147 0.01 -23.44 8.62
N ASN B 148 0.82 -23.75 7.61
CA ASN B 148 0.67 -24.98 6.83
C ASN B 148 -0.70 -25.10 6.14
N SER B 149 -1.46 -24.01 6.16
CA SER B 149 -2.75 -23.94 5.47
C SER B 149 -2.54 -23.87 3.96
N PRO B 150 -3.56 -24.25 3.19
CA PRO B 150 -3.53 -24.08 1.73
C PRO B 150 -3.17 -22.65 1.32
N ALA B 151 -3.73 -21.66 2.01
CA ALA B 151 -3.43 -20.26 1.73
C ALA B 151 -1.96 -19.96 1.97
N ALA B 152 -1.42 -20.54 3.04
CA ALA B 152 -0.03 -20.29 3.41
C ALA B 152 0.92 -20.83 2.34
N LEU B 153 0.65 -22.05 1.89
CA LEU B 153 1.55 -22.74 0.97
C LEU B 153 1.43 -22.19 -0.45
N ALA B 154 0.27 -21.64 -0.78
CA ALA B 154 0.05 -21.07 -2.10
C ALA B 154 0.75 -19.72 -2.21
N GLY B 155 1.04 -19.12 -1.06
CA GLY B 155 1.73 -17.85 -1.02
C GLY B 155 0.93 -16.68 -0.46
N LEU B 156 -0.35 -16.89 -0.17
CA LEU B 156 -1.20 -15.83 0.36
C LEU B 156 -0.72 -15.36 1.72
N ARG B 157 -0.74 -14.05 1.93
CA ARG B 157 -0.23 -13.48 3.17
C ARG B 157 -1.30 -12.63 3.86
N PRO B 158 -1.29 -12.60 5.20
CA PRO B 158 -2.35 -11.97 5.99
C PRO B 158 -2.39 -10.44 5.89
N HIS B 159 -3.59 -9.92 5.64
CA HIS B 159 -3.91 -8.49 5.69
C HIS B 159 -3.30 -7.68 4.54
N SER B 160 -2.14 -8.12 4.04
CA SER B 160 -1.48 -7.44 2.94
C SER B 160 -2.07 -7.85 1.59
N ASP B 161 -2.62 -9.07 1.52
CA ASP B 161 -3.12 -9.58 0.25
C ASP B 161 -4.62 -9.40 0.04
N TYR B 162 -4.99 -9.06 -1.20
CA TYR B 162 -6.38 -8.89 -1.60
C TYR B 162 -6.66 -9.71 -2.85
N ILE B 163 -7.62 -10.63 -2.75
CA ILE B 163 -7.98 -11.46 -3.91
C ILE B 163 -8.97 -10.70 -4.79
N ILE B 164 -8.58 -10.46 -6.04
CA ILE B 164 -9.38 -9.63 -6.94
C ILE B 164 -9.97 -10.38 -8.14
N GLY B 165 -9.70 -11.68 -8.23
CA GLY B 165 -10.30 -12.50 -9.27
C GLY B 165 -9.61 -13.83 -9.53
N ALA B 166 -10.10 -14.57 -10.51
CA ALA B 166 -9.49 -15.85 -10.87
C ALA B 166 -9.64 -16.25 -12.34
N ASP B 167 -8.94 -17.32 -12.71
CA ASP B 167 -9.09 -17.99 -14.00
C ASP B 167 -9.95 -19.24 -13.89
N THR B 168 -10.89 -19.38 -14.82
CA THR B 168 -11.76 -20.53 -14.79
C THR B 168 -11.78 -21.18 -16.17
N VAL B 169 -11.39 -22.45 -16.21
CA VAL B 169 -11.48 -23.27 -17.42
C VAL B 169 -12.95 -23.61 -17.62
N MET B 170 -13.61 -23.86 -16.50
CA MET B 170 -15.06 -23.99 -16.46
C MET B 170 -15.66 -22.59 -16.41
N ASN B 171 -16.91 -22.47 -16.00
CA ASN B 171 -17.57 -21.17 -16.03
C ASN B 171 -18.50 -20.96 -14.84
N GLU B 172 -18.18 -19.95 -14.05
CA GLU B 172 -18.93 -19.63 -12.84
C GLU B 172 -18.98 -18.11 -12.73
N SER B 173 -19.52 -17.61 -11.62
CA SER B 173 -19.65 -16.18 -11.44
C SER B 173 -18.39 -15.64 -10.82
N GLU B 174 -17.35 -16.48 -10.82
CA GLU B 174 -15.98 -16.11 -10.42
C GLU B 174 -15.95 -15.93 -8.89
N ASP B 175 -17.14 -15.82 -8.30
CA ASP B 175 -17.31 -15.62 -6.86
C ASP B 175 -16.42 -16.59 -6.10
N LEU B 176 -15.79 -16.09 -5.05
CA LEU B 176 -14.65 -16.80 -4.45
C LEU B 176 -15.08 -18.13 -3.88
N PHE B 177 -16.01 -18.07 -2.93
CA PHE B 177 -16.51 -19.25 -2.25
C PHE B 177 -17.12 -20.23 -3.26
N SER B 178 -17.74 -19.67 -4.30
CA SER B 178 -18.41 -20.47 -5.33
C SER B 178 -17.40 -21.16 -6.25
N LEU B 179 -16.12 -20.98 -5.96
CA LEU B 179 -15.06 -21.63 -6.72
C LEU B 179 -14.32 -22.63 -5.84
N ILE B 180 -14.23 -22.31 -4.55
CA ILE B 180 -13.45 -23.10 -3.59
C ILE B 180 -14.04 -24.51 -3.44
N GLU B 181 -15.36 -24.62 -3.58
CA GLU B 181 -16.02 -25.92 -3.48
C GLU B 181 -15.89 -26.67 -4.81
N THR B 182 -15.86 -25.91 -5.91
CA THR B 182 -15.73 -26.52 -7.24
C THR B 182 -14.34 -27.12 -7.39
N HIS B 183 -13.37 -26.46 -6.76
CA HIS B 183 -11.98 -26.85 -6.86
C HIS B 183 -11.56 -27.55 -5.56
N GLU B 184 -12.39 -28.49 -5.11
CA GLU B 184 -12.23 -29.13 -3.81
C GLU B 184 -11.01 -30.06 -3.70
N ALA B 185 -10.33 -30.23 -4.82
CA ALA B 185 -9.01 -30.86 -4.82
C ALA B 185 -8.23 -30.33 -6.00
N LYS B 186 -8.90 -30.24 -7.15
CA LYS B 186 -8.39 -29.48 -8.29
C LYS B 186 -7.87 -28.11 -7.88
N PRO B 187 -6.60 -27.83 -8.21
CA PRO B 187 -5.99 -26.51 -7.98
C PRO B 187 -6.77 -25.35 -8.61
N LEU B 188 -6.63 -24.17 -8.02
CA LEU B 188 -7.31 -22.96 -8.48
C LEU B 188 -6.30 -21.84 -8.59
N LYS B 189 -6.44 -21.00 -9.61
CA LYS B 189 -5.53 -19.88 -9.80
C LYS B 189 -6.22 -18.60 -9.40
N LEU B 190 -5.53 -17.75 -8.64
CA LEU B 190 -6.10 -16.51 -8.15
C LEU B 190 -5.25 -15.30 -8.50
N TYR B 191 -5.91 -14.18 -8.73
CA TYR B 191 -5.23 -12.91 -8.93
C TYR B 191 -5.21 -12.11 -7.64
N VAL B 192 -4.02 -11.85 -7.12
CA VAL B 192 -3.89 -11.27 -5.79
C VAL B 192 -3.15 -9.94 -5.82
N TYR B 193 -3.76 -8.93 -5.20
CA TYR B 193 -3.15 -7.62 -5.05
C TYR B 193 -2.54 -7.47 -3.66
N ASN B 194 -1.30 -6.99 -3.62
CA ASN B 194 -0.60 -6.75 -2.36
C ASN B 194 -0.36 -5.26 -2.16
N THR B 195 -0.78 -4.74 -1.01
CA THR B 195 -0.76 -3.29 -0.79
C THR B 195 0.63 -2.75 -0.51
N ASP B 196 1.62 -3.64 -0.34
CA ASP B 196 3.00 -3.21 -0.23
C ASP B 196 3.63 -3.12 -1.62
N THR B 197 3.45 -4.15 -2.44
CA THR B 197 4.03 -4.16 -3.78
C THR B 197 3.25 -3.26 -4.72
N ASP B 198 2.01 -2.95 -4.35
CA ASP B 198 1.10 -2.18 -5.20
C ASP B 198 1.01 -2.84 -6.57
N ASN B 199 0.91 -4.16 -6.57
CA ASN B 199 0.95 -4.91 -7.81
C ASN B 199 0.18 -6.22 -7.70
N CYS B 200 -0.20 -6.78 -8.84
CA CYS B 200 -0.91 -8.05 -8.86
C CYS B 200 0.06 -9.18 -9.13
N ARG B 201 -0.30 -10.37 -8.67
CA ARG B 201 0.49 -11.56 -8.93
C ARG B 201 -0.48 -12.73 -8.97
N GLU B 202 -0.03 -13.86 -9.50
CA GLU B 202 -0.91 -15.01 -9.61
C GLU B 202 -0.60 -16.03 -8.53
N VAL B 203 -1.65 -16.55 -7.92
CA VAL B 203 -1.50 -17.54 -6.87
C VAL B 203 -2.29 -18.80 -7.20
N ILE B 204 -1.60 -19.93 -7.25
CA ILE B 204 -2.24 -21.21 -7.50
C ILE B 204 -2.51 -21.88 -6.17
N ILE B 205 -3.79 -22.02 -5.80
CA ILE B 205 -4.14 -22.57 -4.51
C ILE B 205 -4.94 -23.86 -4.67
N THR B 206 -4.74 -24.79 -3.73
CA THR B 206 -5.40 -26.09 -3.77
C THR B 206 -6.32 -26.26 -2.56
N PRO B 207 -7.58 -25.80 -2.69
CA PRO B 207 -8.59 -25.86 -1.63
C PRO B 207 -8.76 -27.28 -1.06
N ASN B 208 -8.66 -27.40 0.26
CA ASN B 208 -8.81 -28.70 0.92
C ASN B 208 -9.56 -28.57 2.25
N SER B 209 -10.84 -28.91 2.24
CA SER B 209 -11.67 -28.80 3.44
C SER B 209 -11.27 -29.82 4.49
N ALA B 210 -10.44 -30.78 4.10
CA ALA B 210 -10.02 -31.82 5.02
C ALA B 210 -8.63 -31.54 5.53
N TRP B 211 -8.14 -30.33 5.28
CA TRP B 211 -6.83 -29.93 5.77
C TRP B 211 -7.07 -29.69 7.27
N GLY B 212 -6.01 -29.77 8.08
CA GLY B 212 -6.18 -29.63 9.51
C GLY B 212 -6.57 -28.27 10.08
N GLY B 213 -7.62 -27.64 9.56
CA GLY B 213 -8.03 -26.35 10.07
C GLY B 213 -9.28 -25.71 9.47
N GLU B 214 -9.38 -24.39 9.62
CA GLU B 214 -10.59 -23.65 9.26
C GLU B 214 -10.85 -23.63 7.76
N GLY B 215 -12.11 -23.85 7.39
CA GLY B 215 -12.55 -23.79 6.01
C GLY B 215 -11.73 -24.65 5.08
N SER B 216 -11.59 -24.19 3.83
CA SER B 216 -10.83 -24.93 2.83
C SER B 216 -9.50 -24.26 2.48
N LEU B 217 -9.33 -23.03 2.93
CA LEU B 217 -8.11 -22.27 2.62
C LEU B 217 -7.24 -22.05 3.86
N GLY B 218 -7.86 -22.05 5.03
CA GLY B 218 -7.13 -21.85 6.27
C GLY B 218 -6.84 -20.38 6.51
N CYS B 219 -7.68 -19.53 5.94
CA CYS B 219 -7.51 -18.10 6.09
C CYS B 219 -8.85 -17.41 6.31
N GLY B 220 -8.81 -16.19 6.83
CA GLY B 220 -10.01 -15.39 7.01
C GLY B 220 -10.25 -14.54 5.78
N ILE B 221 -11.49 -14.07 5.62
CA ILE B 221 -11.86 -13.26 4.48
C ILE B 221 -12.68 -12.06 4.94
N GLY B 222 -12.31 -10.88 4.47
CA GLY B 222 -13.09 -9.69 4.73
C GLY B 222 -13.67 -9.15 3.44
N TYR B 223 -14.90 -8.64 3.50
CA TYR B 223 -15.56 -8.07 2.33
C TYR B 223 -16.31 -6.79 2.69
N GLY B 224 -16.11 -5.74 1.88
CA GLY B 224 -16.86 -4.51 2.07
C GLY B 224 -15.99 -3.28 2.29
N TYR B 225 -16.62 -2.21 2.79
CA TYR B 225 -15.95 -0.94 3.02
C TYR B 225 -14.77 -1.03 4.00
N LEU B 226 -14.82 -2.00 4.91
CA LEU B 226 -13.74 -2.20 5.87
C LEU B 226 -12.63 -3.05 5.25
N HIS B 227 -12.84 -3.51 4.02
CA HIS B 227 -11.91 -4.44 3.40
C HIS B 227 -11.70 -4.14 1.92
N ARG B 228 -11.54 -2.87 1.60
CA ARG B 228 -11.25 -2.46 0.22
C ARG B 228 -9.77 -2.16 0.05
N ILE B 229 -9.31 -2.17 -1.18
CA ILE B 229 -7.96 -1.75 -1.48
C ILE B 229 -7.86 -0.25 -1.21
N PRO B 230 -6.87 0.15 -0.39
CA PRO B 230 -6.72 1.53 0.09
C PRO B 230 -6.55 2.57 -1.01
N THR B 231 -6.98 3.79 -0.72
CA THR B 231 -6.91 4.88 -1.67
C THR B 231 -6.30 6.13 -1.02
N ARG B 232 -5.45 6.82 -1.77
CA ARG B 232 -4.84 8.06 -1.30
C ARG B 232 -5.91 9.12 -1.08
N PRO B 233 -5.59 10.14 -0.24
CA PRO B 233 -6.62 11.14 0.07
C PRO B 233 -7.00 12.00 -1.12
N PHE B 234 -6.09 12.19 -2.06
CA PHE B 234 -6.35 13.13 -3.14
C PHE B 234 -6.04 12.60 -4.54
N GLU B 235 -6.76 13.15 -5.51
CA GLU B 235 -6.59 12.83 -6.91
C GLU B 235 -5.23 13.30 -7.44
N SER C 15 11.94 16.83 17.05
CA SER C 15 10.81 16.72 16.11
C SER C 15 11.26 16.25 14.72
N SER C 16 10.32 16.12 13.80
CA SER C 16 10.66 15.80 12.42
C SER C 16 11.22 17.00 11.70
N PHE C 17 12.09 16.74 10.73
CA PHE C 17 12.65 17.78 9.90
C PHE C 17 13.10 17.22 8.56
N VAL C 18 13.04 18.05 7.53
CA VAL C 18 13.36 17.62 6.18
C VAL C 18 14.86 17.72 5.94
N ILE C 19 15.41 16.74 5.24
CA ILE C 19 16.81 16.77 4.82
C ILE C 19 16.96 16.39 3.35
N SER D 15 -6.57 -16.80 -18.87
CA SER D 15 -7.43 -15.73 -19.35
C SER D 15 -6.67 -14.41 -19.43
N SER D 16 -5.75 -14.22 -18.50
CA SER D 16 -4.84 -13.07 -18.53
C SER D 16 -3.77 -13.28 -19.61
N PHE D 17 -3.25 -12.19 -20.14
CA PHE D 17 -2.14 -12.26 -21.09
C PHE D 17 -1.30 -10.99 -21.05
N VAL D 18 -0.01 -11.14 -21.32
CA VAL D 18 0.92 -10.03 -21.25
C VAL D 18 0.97 -9.25 -22.57
N ILE D 19 1.09 -7.94 -22.47
CA ILE D 19 1.29 -7.09 -23.65
C ILE D 19 2.54 -6.24 -23.49
#